data_5LS7
#
_entry.id   5LS7
#
_cell.length_a   85.863
_cell.length_b   85.863
_cell.length_c   80.055
_cell.angle_alpha   90.00
_cell.angle_beta   90.00
_cell.angle_gamma   90.00
#
_symmetry.space_group_name_H-M   'I 4'
#
loop_
_entity.id
_entity.type
_entity.pdbx_description
1 polymer 'Aspartate 1-decarboxylase'
2 polymer 'PanD maturation factor'
3 polymer 'Aspartate 1-decarboxylase'
4 non-polymer GLYCEROL
5 non-polymer DI(HYDROXYETHYL)ETHER
6 non-polymer 'ACETYL COENZYME *A'
7 non-polymer 'MAGNESIUM ION'
8 non-polymer 'CARBON DIOXIDE'
9 non-polymer 'THIOCYANATE ION'
10 non-polymer 'methyl radical'
11 water water
#
loop_
_entity_poly.entity_id
_entity_poly.type
_entity_poly.pdbx_seq_one_letter_code
_entity_poly.pdbx_strand_id
1 'polypeptide(L)' MRGSHHHHHHGLVPRGSMIRTMLQGKLHRVKVTHADLHYEG A
2 'polypeptide(L)'
;MKLTIIRLEKFSDQDRIDLQKIWPEYSPSSLQVDDNHRIYAARFNERLLAAVRVTLSGTEGALDSLRVREVTRRRGVGQY
LLEEVLRNNPGVSCWWMADAGVEDRGVMTAFMQALGFTAQQGGWEKCSGLEHHHHHH
;
B
3 'polypeptide(L)'
;(PVO)CAIDQDFLDAAGILENEAIDIWNVTNGKRFSTYAIAAERGSRIISVNGAAAH(CSO)ASVGDIVIIASFVTMPDE
EARTWRPNVAYFEGDNEMKRTAKAIPVQVA
;
D
#
# COMPACT_ATOMS: atom_id res chain seq x y z
C SER A 17 6.05 -24.32 20.62
N MET A 18 6.91 -23.71 19.69
CA MET A 18 7.44 -22.36 19.88
CA MET A 18 7.35 -22.32 19.99
C MET A 18 6.45 -21.32 19.29
N ILE A 19 5.91 -20.38 20.08
CA ILE A 19 4.86 -19.53 19.64
C ILE A 19 5.34 -18.10 19.52
N ARG A 20 5.10 -17.50 18.35
CA ARG A 20 5.47 -16.14 18.05
C ARG A 20 4.31 -15.13 18.24
N THR A 21 4.65 -13.90 18.54
CA THR A 21 3.71 -12.78 18.57
C THR A 21 3.93 -11.94 17.32
N MET A 22 2.89 -11.83 16.50
CA MET A 22 2.96 -11.21 15.16
C MET A 22 1.97 -10.07 15.07
N LEU A 23 2.33 -9.05 14.27
CA LEU A 23 1.36 -8.01 13.93
C LEU A 23 0.20 -8.61 13.18
N GLN A 24 -1.03 -8.47 13.76
CA GLN A 24 -2.22 -8.97 13.09
C GLN A 24 -2.72 -8.00 12.03
N GLY A 25 -2.68 -6.73 12.37
CA GLY A 25 -3.19 -5.67 11.47
C GLY A 25 -3.00 -4.33 12.13
N LYS A 26 -3.16 -3.30 11.28
CA LYS A 26 -3.00 -1.95 11.77
C LYS A 26 -3.85 -0.96 10.97
N LEU A 27 -4.21 0.11 11.64
CA LEU A 27 -4.78 1.32 11.05
C LEU A 27 -3.69 2.37 11.07
N HIS A 28 -3.24 2.74 9.84
CA HIS A 28 -2.08 3.64 9.70
C HIS A 28 -2.51 5.07 9.51
N ARG A 29 -2.16 5.93 10.47
CA ARG A 29 -2.35 7.35 10.40
C ARG A 29 -3.82 7.74 10.34
N VAL A 30 -4.63 7.13 11.21
CA VAL A 30 -5.94 7.66 11.49
C VAL A 30 -5.80 8.88 12.38
N LYS A 31 -6.83 9.72 12.36
CA LYS A 31 -6.86 10.91 13.08
CA LYS A 31 -6.86 10.99 13.12
C LYS A 31 -7.89 10.84 14.24
N VAL A 32 -7.51 11.23 15.44
CA VAL A 32 -8.39 11.25 16.59
C VAL A 32 -9.54 12.28 16.34
N THR A 33 -10.76 11.84 16.51
CA THR A 33 -11.96 12.66 16.32
C THR A 33 -12.50 13.20 17.64
N HIS A 34 -12.29 12.49 18.74
CA HIS A 34 -12.83 12.83 20.04
C HIS A 34 -11.79 12.41 21.07
N ALA A 35 -11.61 13.18 22.14
CA ALA A 35 -10.71 12.81 23.27
C ALA A 35 -11.39 13.28 24.49
N ASP A 36 -11.98 12.39 25.31
CA ASP A 36 -12.84 12.85 26.41
C ASP A 36 -12.65 11.92 27.62
N LEU A 37 -12.14 12.52 28.70
CA LEU A 37 -11.90 11.83 29.97
C LEU A 37 -13.19 11.26 30.55
N HIS A 38 -14.33 11.86 30.24
CA HIS A 38 -15.61 11.44 30.83
C HIS A 38 -16.25 10.32 30.03
N TYR A 39 -15.80 9.99 28.82
CA TYR A 39 -16.36 8.89 28.06
C TYR A 39 -15.91 7.54 28.62
N GLU A 40 -16.71 6.52 28.42
CA GLU A 40 -16.26 5.18 28.72
C GLU A 40 -15.34 4.72 27.57
N GLY A 41 -14.15 4.24 27.78
CA GLY A 41 -13.47 3.89 29.08
C GLY A 41 -13.57 2.28 29.33
N MET B 1 7.59 7.72 3.74
CA MET B 1 6.11 7.54 3.83
C MET B 1 5.70 6.20 3.29
N LYS B 2 4.44 5.84 3.56
CA LYS B 2 3.84 4.64 3.11
CA LYS B 2 3.87 4.59 3.11
C LYS B 2 4.00 4.48 1.58
N LEU B 3 3.81 3.28 1.10
CA LEU B 3 3.88 2.97 -0.36
C LEU B 3 2.90 3.89 -1.09
N THR B 4 3.41 4.59 -2.11
CA THR B 4 2.66 5.60 -2.86
C THR B 4 3.07 5.49 -4.30
N ILE B 5 2.10 5.58 -5.22
CA ILE B 5 2.39 5.59 -6.65
C ILE B 5 2.43 7.02 -7.13
N ILE B 6 3.47 7.38 -7.86
CA ILE B 6 3.68 8.72 -8.38
C ILE B 6 3.96 8.71 -9.87
N ARG B 7 3.55 9.75 -10.53
CA ARG B 7 3.94 10.02 -11.93
C ARG B 7 5.14 10.89 -11.86
N LEU B 8 6.24 10.42 -12.46
CA LEU B 8 7.49 11.20 -12.42
C LEU B 8 7.58 12.12 -13.68
N GLU B 9 7.68 13.43 -13.47
CA GLU B 9 7.87 14.35 -14.59
C GLU B 9 9.21 15.02 -14.55
N LYS B 10 9.85 15.06 -13.41
CA LYS B 10 11.12 15.69 -13.10
C LYS B 10 11.80 14.57 -12.26
N PHE B 11 13.10 14.45 -12.35
CA PHE B 11 13.83 13.43 -11.62
C PHE B 11 14.79 14.08 -10.66
N SER B 12 14.75 13.65 -9.42
CA SER B 12 15.68 14.12 -8.42
C SER B 12 17.00 13.30 -8.57
N ASP B 13 18.10 13.76 -7.94
CA ASP B 13 19.29 12.88 -7.86
C ASP B 13 19.00 11.47 -7.32
N GLN B 14 18.22 11.39 -6.27
CA GLN B 14 17.92 10.10 -5.67
C GLN B 14 17.01 9.32 -6.61
N ASP B 15 16.07 9.96 -7.33
CA ASP B 15 15.29 9.23 -8.30
C ASP B 15 16.15 8.57 -9.40
N ARG B 16 17.16 9.30 -9.83
CA ARG B 16 18.11 8.73 -10.77
CA ARG B 16 18.09 8.77 -10.81
C ARG B 16 18.93 7.55 -10.28
N ILE B 17 19.38 7.65 -9.03
CA ILE B 17 20.02 6.51 -8.36
C ILE B 17 19.11 5.27 -8.38
N ASP B 18 17.87 5.50 -7.94
CA ASP B 18 16.90 4.43 -7.74
C ASP B 18 16.47 3.83 -9.10
N LEU B 19 16.26 4.68 -10.11
CA LEU B 19 15.88 4.18 -11.42
C LEU B 19 17.04 3.36 -12.05
N GLN B 20 18.29 3.70 -11.70
CA GLN B 20 19.36 2.85 -12.22
C GLN B 20 19.41 1.45 -11.60
N LYS B 21 18.94 1.30 -10.36
CA LYS B 21 18.76 0.02 -9.75
C LYS B 21 17.56 -0.73 -10.29
N ILE B 22 16.45 -0.08 -10.56
CA ILE B 22 15.26 -0.66 -11.08
C ILE B 22 15.54 -1.12 -12.54
N TRP B 23 16.18 -0.26 -13.33
CA TRP B 23 16.46 -0.47 -14.79
C TRP B 23 17.97 -0.35 -15.09
N PRO B 24 18.75 -1.27 -14.73
CA PRO B 24 20.26 -1.10 -15.14
C PRO B 24 20.45 -0.98 -16.70
N GLU B 25 19.59 -1.54 -17.49
CA GLU B 25 19.64 -1.36 -18.99
C GLU B 25 19.53 0.06 -19.48
N TYR B 26 18.97 1.01 -18.74
CA TYR B 26 18.70 2.33 -19.23
C TYR B 26 19.57 3.39 -18.63
N SER B 27 20.02 4.34 -19.43
CA SER B 27 20.55 5.57 -18.89
C SER B 27 19.39 6.47 -18.42
N PRO B 28 19.29 6.81 -17.09
CA PRO B 28 18.26 7.85 -16.78
C PRO B 28 18.27 9.10 -17.71
N SER B 29 19.45 9.46 -18.25
CA SER B 29 19.58 10.47 -19.30
C SER B 29 18.55 10.35 -20.40
N SER B 30 18.35 9.16 -20.95
CA SER B 30 17.40 8.98 -22.07
C SER B 30 16.07 8.37 -21.63
N LEU B 31 15.57 8.85 -20.50
CA LEU B 31 14.20 8.61 -20.01
C LEU B 31 13.42 9.94 -20.11
N GLN B 32 13.16 10.24 -21.34
CA GLN B 32 12.43 11.42 -21.69
C GLN B 32 10.92 11.10 -21.48
N VAL B 33 10.24 12.09 -20.96
CA VAL B 33 8.79 11.99 -20.70
C VAL B 33 8.07 13.17 -21.26
N ASP B 34 6.81 12.88 -21.63
CA ASP B 34 5.92 13.99 -22.12
C ASP B 34 4.50 13.56 -21.78
N ASP B 35 3.50 14.24 -22.27
CA ASP B 35 2.17 13.84 -21.90
C ASP B 35 1.69 12.49 -22.25
N ASN B 36 2.18 11.95 -23.39
CA ASN B 36 1.82 10.59 -23.83
C ASN B 36 2.89 9.50 -23.58
N HIS B 37 4.06 9.90 -23.02
CA HIS B 37 5.13 8.94 -22.69
C HIS B 37 5.47 9.22 -21.22
N ARG B 38 4.93 8.39 -20.34
CA ARG B 38 4.99 8.64 -18.91
C ARG B 38 5.85 7.62 -18.19
N ILE B 39 6.29 7.96 -16.99
CA ILE B 39 6.96 7.01 -16.04
C ILE B 39 6.14 7.12 -14.75
N TYR B 40 5.70 5.94 -14.28
CA TYR B 40 5.08 5.82 -12.94
C TYR B 40 6.02 4.99 -12.10
N ALA B 41 6.08 5.33 -10.81
CA ALA B 41 6.97 4.65 -9.85
C ALA B 41 6.28 4.44 -8.55
N ALA B 42 6.73 3.41 -7.79
CA ALA B 42 6.29 3.16 -6.44
C ALA B 42 7.36 3.62 -5.46
N ARG B 43 6.97 4.54 -4.57
CA ARG B 43 7.84 5.19 -3.58
CA ARG B 43 7.87 5.15 -3.57
C ARG B 43 7.53 4.62 -2.20
N PHE B 44 8.58 4.38 -1.37
CA PHE B 44 8.38 3.88 0.03
C PHE B 44 9.59 4.42 0.82
N ASN B 45 9.31 5.12 1.94
CA ASN B 45 10.39 5.61 2.79
C ASN B 45 11.53 6.23 1.97
N GLU B 46 11.10 7.14 1.05
CA GLU B 46 12.02 8.05 0.34
C GLU B 46 12.84 7.37 -0.77
N ARG B 47 12.44 6.19 -1.17
CA ARG B 47 13.11 5.46 -2.27
C ARG B 47 12.11 4.87 -3.24
N LEU B 48 12.51 4.80 -4.53
CA LEU B 48 11.69 4.13 -5.53
C LEU B 48 11.96 2.62 -5.52
N LEU B 49 10.91 1.80 -5.42
CA LEU B 49 10.96 0.35 -5.37
C LEU B 49 10.63 -0.32 -6.67
N ALA B 50 9.96 0.41 -7.56
CA ALA B 50 9.48 -0.19 -8.82
C ALA B 50 9.14 0.92 -9.78
N ALA B 51 9.11 0.61 -11.07
CA ALA B 51 8.66 1.54 -12.09
C ALA B 51 8.13 0.86 -13.31
N VAL B 52 7.44 1.65 -14.15
CA VAL B 52 6.89 1.19 -15.43
C VAL B 52 6.79 2.37 -16.34
N ARG B 53 6.96 2.10 -17.66
CA ARG B 53 6.75 3.11 -18.67
C ARG B 53 5.38 2.91 -19.33
N VAL B 54 4.74 4.05 -19.59
CA VAL B 54 3.37 4.07 -20.13
C VAL B 54 3.31 4.91 -21.41
N THR B 55 2.79 4.34 -22.46
CA THR B 55 2.60 5.05 -23.75
C THR B 55 1.09 5.17 -23.98
N LEU B 56 0.59 6.42 -24.06
CA LEU B 56 -0.87 6.64 -24.24
C LEU B 56 -1.12 6.98 -25.73
N SER B 57 -2.15 6.38 -26.26
CA SER B 57 -2.69 6.67 -27.60
C SER B 57 -4.24 6.77 -27.45
N GLY B 58 -4.68 7.70 -26.63
CA GLY B 58 -6.11 7.93 -26.39
C GLY B 58 -6.77 6.76 -25.66
N THR B 59 -7.65 6.03 -26.34
CA THR B 59 -8.34 4.88 -25.74
C THR B 59 -7.44 3.65 -25.65
N GLU B 60 -6.23 3.69 -26.29
CA GLU B 60 -5.31 2.60 -26.21
C GLU B 60 -4.11 2.99 -25.42
N GLY B 61 -3.64 2.07 -24.54
CA GLY B 61 -2.43 2.31 -23.78
C GLY B 61 -1.52 1.11 -23.76
N ALA B 62 -0.20 1.37 -23.61
CA ALA B 62 0.79 0.28 -23.59
C ALA B 62 1.71 0.47 -22.37
N LEU B 63 2.03 -0.65 -21.77
CA LEU B 63 2.91 -0.75 -20.64
C LEU B 63 4.23 -1.37 -21.10
N ASP B 64 5.38 -0.86 -20.64
CA ASP B 64 6.65 -1.55 -20.94
C ASP B 64 7.57 -1.33 -19.75
N SER B 65 8.62 -2.20 -19.67
CA SER B 65 9.65 -2.04 -18.69
C SER B 65 9.10 -2.11 -17.25
N LEU B 66 8.09 -2.94 -16.98
CA LEU B 66 7.61 -3.09 -15.60
C LEU B 66 8.67 -3.88 -14.78
N ARG B 67 9.10 -3.32 -13.66
N ARG B 67 9.24 -3.27 -13.74
CA ARG B 67 10.05 -4.07 -12.82
C ARG B 67 9.91 -3.54 -11.40
N VAL B 68 9.84 -4.53 -10.48
CA VAL B 68 9.88 -4.30 -9.02
C VAL B 68 11.28 -4.82 -8.56
N ARG B 69 11.96 -4.03 -7.74
CA ARG B 69 13.26 -4.55 -7.30
CA ARG B 69 13.24 -4.49 -7.16
C ARG B 69 13.09 -5.90 -6.59
N GLU B 70 14.04 -6.79 -6.88
CA GLU B 70 14.01 -8.14 -6.43
CA GLU B 70 13.92 -8.13 -6.42
C GLU B 70 13.74 -8.29 -4.90
N VAL B 71 14.43 -7.46 -4.16
CA VAL B 71 14.43 -7.53 -2.67
CA VAL B 71 14.39 -7.62 -2.68
C VAL B 71 13.05 -7.32 -2.11
N THR B 72 12.11 -6.65 -2.79
CA THR B 72 10.79 -6.27 -2.24
C THR B 72 9.66 -6.95 -3.01
N ARG B 73 9.89 -8.02 -3.77
CA ARG B 73 8.84 -8.72 -4.46
C ARG B 73 7.88 -9.46 -3.54
N ARG B 74 6.70 -9.78 -4.09
CA ARG B 74 5.67 -10.54 -3.42
C ARG B 74 5.17 -9.88 -2.17
N ARG B 75 5.06 -8.55 -2.21
CA ARG B 75 4.53 -7.73 -1.14
CA ARG B 75 4.56 -7.68 -1.16
C ARG B 75 3.53 -6.70 -1.65
N GLY B 76 3.00 -6.90 -2.86
CA GLY B 76 1.92 -6.05 -3.43
C GLY B 76 2.40 -4.79 -4.10
N VAL B 77 3.69 -4.57 -4.25
CA VAL B 77 4.21 -3.35 -4.87
C VAL B 77 3.78 -3.25 -6.35
N GLY B 78 4.06 -4.33 -7.12
CA GLY B 78 3.68 -4.29 -8.51
C GLY B 78 2.20 -4.17 -8.73
N GLN B 79 1.43 -4.85 -7.90
CA GLN B 79 -0.05 -4.75 -8.06
C GLN B 79 -0.50 -3.34 -7.84
N TYR B 80 -0.02 -2.68 -6.79
CA TYR B 80 -0.48 -1.31 -6.52
C TYR B 80 -0.03 -0.36 -7.64
N LEU B 81 1.21 -0.53 -8.12
CA LEU B 81 1.70 0.27 -9.24
C LEU B 81 0.76 0.19 -10.44
N LEU B 82 0.45 -1.01 -10.87
CA LEU B 82 -0.42 -1.12 -12.07
C LEU B 82 -1.84 -0.69 -11.78
N GLU B 83 -2.38 -0.98 -10.59
CA GLU B 83 -3.74 -0.48 -10.26
C GLU B 83 -3.79 1.02 -10.38
N GLU B 84 -2.80 1.73 -9.88
CA GLU B 84 -2.83 3.18 -9.90
C GLU B 84 -2.57 3.74 -11.31
N VAL B 85 -1.72 3.09 -12.12
CA VAL B 85 -1.59 3.55 -13.52
C VAL B 85 -2.96 3.44 -14.23
N LEU B 86 -3.64 2.33 -14.05
CA LEU B 86 -4.95 2.17 -14.72
C LEU B 86 -5.95 3.15 -14.22
N ARG B 87 -6.00 3.36 -12.89
CA ARG B 87 -7.01 4.23 -12.27
C ARG B 87 -6.73 5.68 -12.71
N ASN B 88 -5.50 6.07 -12.87
CA ASN B 88 -5.16 7.45 -13.21
C ASN B 88 -5.22 7.79 -14.72
N ASN B 89 -5.54 6.77 -15.49
CA ASN B 89 -5.74 6.91 -16.94
C ASN B 89 -7.05 6.25 -17.37
N PRO B 90 -8.16 6.83 -16.81
CA PRO B 90 -9.51 6.22 -17.03
C PRO B 90 -9.97 6.32 -18.49
N GLY B 91 -9.35 7.15 -19.30
CA GLY B 91 -9.73 7.22 -20.71
C GLY B 91 -9.24 6.08 -21.53
N VAL B 92 -8.29 5.29 -21.02
CA VAL B 92 -7.77 4.15 -21.69
C VAL B 92 -8.75 2.99 -21.44
N SER B 93 -9.31 2.43 -22.55
CA SER B 93 -10.17 1.23 -22.48
C SER B 93 -9.51 -0.07 -22.81
N CYS B 94 -8.37 -0.05 -23.48
CA CYS B 94 -7.60 -1.31 -23.77
CA CYS B 94 -7.63 -1.25 -23.78
C CYS B 94 -6.11 -1.07 -23.51
N TRP B 95 -5.61 -1.92 -22.60
CA TRP B 95 -4.21 -1.92 -22.23
C TRP B 95 -3.49 -3.13 -22.81
N TRP B 96 -2.27 -2.94 -23.24
CA TRP B 96 -1.38 -3.98 -23.72
C TRP B 96 -0.03 -3.92 -23.06
N MET B 97 0.52 -5.11 -22.77
CA MET B 97 1.94 -5.26 -22.38
C MET B 97 2.55 -6.40 -23.15
N ALA B 98 3.64 -6.14 -23.86
CA ALA B 98 4.37 -7.19 -24.53
C ALA B 98 5.11 -8.12 -23.55
N ASP B 99 5.48 -9.30 -23.98
CA ASP B 99 6.32 -10.21 -23.21
C ASP B 99 7.79 -10.02 -23.43
N ALA B 100 8.22 -8.93 -24.11
CA ALA B 100 9.66 -8.70 -24.37
C ALA B 100 10.46 -8.40 -23.11
N GLY B 101 11.55 -9.06 -22.93
CA GLY B 101 12.47 -8.74 -21.84
C GLY B 101 12.10 -9.25 -20.50
N VAL B 102 11.04 -10.05 -20.38
CA VAL B 102 10.65 -10.54 -19.05
C VAL B 102 11.55 -11.71 -18.55
N GLU B 103 11.95 -11.61 -17.30
CA GLU B 103 12.93 -12.50 -16.61
C GLU B 103 12.27 -13.95 -16.64
N ASP B 104 11.01 -14.08 -16.39
CA ASP B 104 10.38 -15.33 -16.21
C ASP B 104 8.91 -15.20 -16.62
N ARG B 105 8.54 -15.65 -17.84
CA ARG B 105 7.15 -15.50 -18.26
C ARG B 105 6.19 -16.19 -17.35
N GLY B 106 6.56 -17.29 -16.67
CA GLY B 106 5.65 -17.94 -15.77
C GLY B 106 5.26 -17.05 -14.62
N VAL B 107 6.20 -16.31 -14.05
CA VAL B 107 5.92 -15.37 -12.98
C VAL B 107 5.09 -14.19 -13.57
N MET B 108 5.52 -13.64 -14.65
CA MET B 108 4.82 -12.49 -15.21
C MET B 108 3.38 -12.84 -15.58
N THR B 109 3.15 -14.02 -16.15
CA THR B 109 1.81 -14.31 -16.55
CA THR B 109 1.76 -14.31 -16.53
C THR B 109 0.90 -14.53 -15.31
N ALA B 110 1.42 -15.12 -14.19
CA ALA B 110 0.61 -15.25 -12.97
C ALA B 110 0.27 -13.86 -12.46
N PHE B 111 1.24 -12.93 -12.45
CA PHE B 111 1.00 -11.55 -11.97
C PHE B 111 0.00 -10.83 -12.86
N MET B 112 0.14 -10.85 -14.18
CA MET B 112 -0.75 -10.13 -15.04
C MET B 112 -2.16 -10.68 -14.97
N GLN B 113 -2.29 -12.00 -14.88
CA GLN B 113 -3.64 -12.57 -14.72
C GLN B 113 -4.24 -12.20 -13.41
N ALA B 114 -3.46 -12.13 -12.32
CA ALA B 114 -4.02 -11.65 -11.04
C ALA B 114 -4.52 -10.23 -11.16
N LEU B 115 -3.92 -9.39 -12.03
CA LEU B 115 -4.32 -8.03 -12.28
C LEU B 115 -5.46 -7.88 -13.29
N GLY B 116 -6.03 -8.99 -13.74
CA GLY B 116 -7.21 -8.95 -14.63
C GLY B 116 -6.87 -8.97 -16.08
N PHE B 117 -5.66 -9.14 -16.49
CA PHE B 117 -5.28 -9.25 -17.89
C PHE B 117 -5.42 -10.66 -18.39
N THR B 118 -5.68 -10.77 -19.66
N THR B 118 -5.52 -10.80 -19.70
CA THR B 118 -5.73 -12.06 -20.39
CA THR B 118 -5.60 -12.15 -20.26
C THR B 118 -4.47 -12.34 -21.23
C THR B 118 -4.30 -12.29 -21.04
N ALA B 119 -3.89 -13.56 -21.07
CA ALA B 119 -2.68 -13.91 -21.81
C ALA B 119 -3.06 -14.11 -23.30
N GLN B 120 -2.33 -13.42 -24.17
CA GLN B 120 -2.55 -13.41 -25.64
C GLN B 120 -1.26 -13.73 -26.31
N GLN B 121 -1.29 -13.87 -27.64
CA GLN B 121 -0.07 -14.06 -28.38
C GLN B 121 0.82 -12.80 -28.28
N GLY B 122 2.05 -13.01 -27.70
CA GLY B 122 2.97 -11.98 -27.57
C GLY B 122 2.91 -11.03 -26.34
N GLY B 123 1.97 -11.28 -25.45
CA GLY B 123 1.76 -10.43 -24.29
C GLY B 123 0.44 -10.57 -23.65
N TRP B 124 0.03 -9.49 -22.93
CA TRP B 124 -1.17 -9.54 -22.07
C TRP B 124 -1.99 -8.30 -22.42
N GLU B 125 -3.34 -8.52 -22.36
CA GLU B 125 -4.34 -7.45 -22.70
C GLU B 125 -5.42 -7.31 -21.63
N LYS B 126 -5.82 -6.07 -21.39
CA LYS B 126 -6.93 -5.71 -20.42
CA LYS B 126 -7.03 -5.91 -20.55
C LYS B 126 -7.85 -4.75 -21.19
N CYS B 127 -9.01 -5.22 -21.59
CA CYS B 127 -10.02 -4.23 -22.16
C CYS B 127 -11.30 -4.17 -21.29
N SER B 128 -11.90 -2.98 -21.20
CA SER B 128 -13.14 -2.80 -20.33
C SER B 128 -14.44 -3.05 -21.11
N CYS C 2 -10.67 2.95 23.33
CA CYS C 2 -10.68 3.71 22.02
C CYS C 2 -11.84 3.10 21.23
N ALA C 3 -12.81 4.01 20.86
CA ALA C 3 -13.94 3.59 20.01
C ALA C 3 -13.58 3.92 18.53
N ILE C 4 -13.81 2.90 17.69
CA ILE C 4 -13.30 2.94 16.28
C ILE C 4 -14.43 2.53 15.36
N ASP C 5 -14.65 3.30 14.27
CA ASP C 5 -15.63 2.93 13.24
C ASP C 5 -15.50 1.49 12.90
N GLN C 6 -16.61 0.73 12.94
CA GLN C 6 -16.59 -0.66 12.61
CA GLN C 6 -16.53 -0.70 12.63
C GLN C 6 -15.95 -1.05 11.25
N ASP C 7 -16.16 -0.16 10.27
CA ASP C 7 -15.52 -0.44 8.97
C ASP C 7 -13.98 -0.48 9.10
N PHE C 8 -13.42 0.37 9.94
CA PHE C 8 -11.96 0.39 10.10
C PHE C 8 -11.50 -0.84 10.85
N LEU C 9 -12.24 -1.26 11.90
CA LEU C 9 -11.96 -2.53 12.56
C LEU C 9 -11.91 -3.64 11.56
N ASP C 10 -12.95 -3.74 10.69
CA ASP C 10 -13.01 -4.80 9.70
C ASP C 10 -11.75 -4.77 8.76
N ALA C 11 -11.41 -3.58 8.32
CA ALA C 11 -10.30 -3.48 7.34
C ALA C 11 -8.95 -3.96 7.95
N ALA C 12 -8.75 -3.71 9.25
CA ALA C 12 -7.51 -4.14 9.93
C ALA C 12 -7.63 -5.49 10.60
N GLY C 13 -8.81 -6.15 10.49
CA GLY C 13 -9.00 -7.39 11.14
C GLY C 13 -9.10 -7.35 12.67
N ILE C 14 -9.31 -6.16 13.23
CA ILE C 14 -9.36 -5.93 14.71
C ILE C 14 -10.82 -6.24 15.17
N LEU C 15 -10.93 -6.92 16.31
CA LEU C 15 -12.22 -7.27 16.89
C LEU C 15 -12.63 -6.28 17.97
N GLU C 16 -13.95 -6.07 18.11
CA GLU C 16 -14.48 -5.49 19.32
CA GLU C 16 -14.45 -5.41 19.32
C GLU C 16 -14.02 -6.27 20.60
N ASN C 17 -13.55 -5.51 21.59
CA ASN C 17 -13.01 -6.10 22.85
C ASN C 17 -11.55 -6.63 22.73
N GLU C 18 -10.95 -6.52 21.54
CA GLU C 18 -9.56 -6.97 21.41
C GLU C 18 -8.58 -5.93 21.98
N ALA C 19 -7.48 -6.48 22.58
CA ALA C 19 -6.39 -5.62 22.99
C ALA C 19 -5.76 -4.88 21.77
N ILE C 20 -5.48 -3.61 21.93
CA ILE C 20 -4.83 -2.81 20.87
C ILE C 20 -3.77 -1.93 21.50
N ASP C 21 -2.74 -1.68 20.67
CA ASP C 21 -1.69 -0.73 20.95
C ASP C 21 -1.91 0.53 20.11
N ILE C 22 -1.68 1.68 20.71
CA ILE C 22 -1.85 2.97 20.03
C ILE C 22 -0.56 3.75 20.14
N TRP C 23 -0.02 4.15 18.98
CA TRP C 23 1.24 4.85 18.88
C TRP C 23 0.99 6.23 18.26
N ASN C 24 1.25 7.30 19.02
CA ASN C 24 0.82 8.64 18.63
C ASN C 24 1.97 9.36 17.95
N VAL C 25 1.82 9.59 16.62
CA VAL C 25 2.85 10.27 15.82
C VAL C 25 2.97 11.73 16.20
N THR C 26 1.86 12.33 16.65
CA THR C 26 1.89 13.74 17.00
C THR C 26 2.69 14.01 18.27
N ASN C 27 2.45 13.20 19.35
CA ASN C 27 3.07 13.50 20.61
C ASN C 27 4.04 12.41 21.11
N GLY C 28 4.21 11.30 20.41
CA GLY C 28 5.13 10.24 20.80
C GLY C 28 4.60 9.29 21.86
N LYS C 29 3.43 9.50 22.46
CA LYS C 29 2.96 8.59 23.48
C LYS C 29 2.59 7.25 22.91
N ARG C 30 2.80 6.19 23.70
CA ARG C 30 2.54 4.82 23.31
C ARG C 30 1.71 4.19 24.44
N PHE C 31 0.57 3.61 24.15
CA PHE C 31 -0.25 3.00 25.23
C PHE C 31 -1.03 1.83 24.68
N SER C 32 -1.55 1.05 25.61
CA SER C 32 -2.29 -0.15 25.26
C SER C 32 -3.68 -0.08 25.92
N THR C 33 -4.69 -0.54 25.19
CA THR C 33 -6.09 -0.50 25.66
C THR C 33 -6.83 -1.61 24.97
N TYR C 34 -8.14 -1.44 24.78
CA TYR C 34 -8.94 -2.37 24.02
C TYR C 34 -9.90 -1.58 23.09
N ALA C 35 -10.37 -2.29 22.06
CA ALA C 35 -11.24 -1.68 21.03
C ALA C 35 -12.72 -1.68 21.45
N ILE C 36 -13.35 -0.52 21.38
CA ILE C 36 -14.80 -0.32 21.48
C ILE C 36 -15.26 -0.07 20.01
N ALA C 37 -16.44 -0.58 19.69
CA ALA C 37 -17.00 -0.28 18.37
C ALA C 37 -17.61 1.09 18.30
N ALA C 38 -17.44 1.74 17.17
CA ALA C 38 -18.20 2.98 16.82
C ALA C 38 -19.01 2.68 15.55
N GLU C 39 -20.11 3.45 15.44
CA GLU C 39 -21.08 3.30 14.38
C GLU C 39 -20.36 3.26 12.99
N ARG C 40 -20.76 2.25 12.21
CA ARG C 40 -20.18 2.08 10.83
C ARG C 40 -20.40 3.34 10.02
N GLY C 41 -19.35 3.85 9.43
CA GLY C 41 -19.47 5.02 8.61
C GLY C 41 -19.27 6.33 9.28
N SER C 42 -19.16 6.30 10.64
CA SER C 42 -19.00 7.54 11.39
C SER C 42 -17.61 8.16 11.30
N ARG C 43 -16.61 7.29 10.91
CA ARG C 43 -15.16 7.76 10.88
CA ARG C 43 -15.22 7.60 10.86
C ARG C 43 -14.60 8.06 12.21
N ILE C 44 -15.27 7.65 13.29
CA ILE C 44 -14.85 8.01 14.64
C ILE C 44 -13.57 7.23 15.07
N ILE C 45 -12.68 7.97 15.72
CA ILE C 45 -11.56 7.46 16.52
C ILE C 45 -11.65 8.24 17.84
N SER C 46 -12.25 7.61 18.87
CA SER C 46 -12.57 8.34 20.08
C SER C 46 -11.70 7.76 21.24
N VAL C 47 -10.81 8.59 21.75
CA VAL C 47 -9.88 8.21 22.86
C VAL C 47 -10.56 8.61 24.18
N ASN C 48 -10.92 7.60 24.94
CA ASN C 48 -11.92 7.78 26.01
C ASN C 48 -11.30 7.42 27.38
N GLY C 49 -11.88 8.01 28.43
CA GLY C 49 -11.50 7.66 29.79
C GLY C 49 -10.08 8.05 30.04
N ALA C 50 -9.35 7.19 30.84
CA ALA C 50 -7.99 7.53 31.18
C ALA C 50 -7.11 7.75 29.93
N ALA C 51 -7.43 7.07 28.85
CA ALA C 51 -6.63 7.21 27.61
C ALA C 51 -6.66 8.61 27.08
N ALA C 52 -7.67 9.43 27.40
CA ALA C 52 -7.72 10.81 26.91
C ALA C 52 -6.59 11.66 27.44
N HIS C 53 -5.85 11.21 28.48
CA HIS C 53 -4.62 11.89 28.86
C HIS C 53 -3.49 11.70 27.83
N ALA C 55 -3.87 11.59 24.21
CA ALA C 55 -4.09 12.07 22.88
C ALA C 55 -5.02 13.30 22.91
N SER C 56 -4.96 14.08 21.84
CA SER C 56 -5.83 15.22 21.59
C SER C 56 -6.54 15.01 20.25
N VAL C 57 -7.70 15.67 20.11
CA VAL C 57 -8.35 15.72 18.77
C VAL C 57 -7.41 16.23 17.71
N GLY C 58 -7.37 15.54 16.56
CA GLY C 58 -6.50 15.92 15.46
C GLY C 58 -5.20 15.12 15.48
N ASP C 59 -4.84 14.47 16.62
CA ASP C 59 -3.57 13.71 16.62
C ASP C 59 -3.66 12.55 15.63
N ILE C 60 -2.48 12.27 15.06
CA ILE C 60 -2.33 11.20 14.07
C ILE C 60 -1.74 9.98 14.82
N VAL C 61 -2.40 8.84 14.70
CA VAL C 61 -2.01 7.62 15.42
C VAL C 61 -1.95 6.42 14.51
N ILE C 62 -1.20 5.41 14.98
CA ILE C 62 -1.24 4.07 14.41
C ILE C 62 -1.91 3.20 15.52
N ILE C 63 -2.90 2.38 15.10
CA ILE C 63 -3.58 1.45 15.99
C ILE C 63 -3.28 0.05 15.50
N ALA C 64 -2.71 -0.79 16.39
CA ALA C 64 -2.27 -2.12 15.99
C ALA C 64 -2.85 -3.18 16.92
N SER C 65 -3.07 -4.40 16.39
CA SER C 65 -3.31 -5.56 17.21
C SER C 65 -2.29 -6.65 16.86
N PHE C 66 -2.09 -7.52 17.83
CA PHE C 66 -1.09 -8.61 17.72
C PHE C 66 -1.73 -9.94 18.04
N VAL C 67 -1.34 -10.98 17.35
CA VAL C 67 -1.85 -12.32 17.57
C VAL C 67 -0.68 -13.30 17.76
N THR C 68 -0.95 -14.45 18.36
CA THR C 68 0.10 -15.47 18.51
C THR C 68 -0.25 -16.66 17.65
N MET C 69 0.84 -17.35 17.23
CA MET C 69 0.69 -18.55 16.39
C MET C 69 2.07 -19.30 16.42
N PRO C 70 2.06 -20.58 16.02
CA PRO C 70 3.34 -21.31 15.93
C PRO C 70 4.30 -20.71 14.98
N ASP C 71 5.58 -20.94 15.19
CA ASP C 71 6.64 -20.45 14.34
C ASP C 71 6.39 -20.70 12.83
N GLU C 72 6.00 -21.91 12.49
CA GLU C 72 5.85 -22.23 11.06
C GLU C 72 4.79 -21.35 10.41
N GLU C 73 3.68 -21.06 11.08
N GLU C 73 3.67 -21.12 11.09
CA GLU C 73 2.65 -20.25 10.46
CA GLU C 73 2.63 -20.24 10.53
C GLU C 73 3.12 -18.79 10.49
C GLU C 73 3.10 -18.79 10.50
N ALA C 74 3.89 -18.36 11.50
CA ALA C 74 4.36 -17.01 11.56
C ALA C 74 5.24 -16.60 10.35
N ARG C 75 5.98 -17.55 9.83
CA ARG C 75 6.85 -17.29 8.70
C ARG C 75 6.12 -16.95 7.40
N THR C 76 4.82 -17.27 7.29
CA THR C 76 4.08 -16.98 6.07
C THR C 76 2.89 -16.12 6.34
N TRP C 77 2.74 -15.62 7.61
CA TRP C 77 1.61 -14.70 8.02
C TRP C 77 1.61 -13.40 7.21
N ARG C 78 0.39 -12.95 6.93
CA ARG C 78 0.18 -11.68 6.22
C ARG C 78 -0.68 -10.73 7.06
N PRO C 79 -0.13 -9.64 7.52
CA PRO C 79 -0.93 -8.71 8.37
C PRO C 79 -1.95 -7.92 7.51
N ASN C 80 -3.04 -7.53 8.17
CA ASN C 80 -4.12 -6.73 7.56
C ASN C 80 -3.89 -5.29 7.77
N VAL C 81 -3.32 -4.58 6.77
CA VAL C 81 -2.88 -3.23 6.92
CA VAL C 81 -2.98 -3.21 6.96
C VAL C 81 -3.89 -2.29 6.19
N ALA C 82 -4.29 -1.18 6.79
CA ALA C 82 -5.22 -0.21 6.20
C ALA C 82 -4.64 1.19 6.41
N TYR C 83 -4.67 1.96 5.30
CA TYR C 83 -4.01 3.26 5.27
C TYR C 83 -5.05 4.37 5.07
N PHE C 84 -4.85 5.44 5.88
CA PHE C 84 -5.80 6.60 5.96
C PHE C 84 -5.10 7.83 5.71
N GLU C 85 -5.87 8.80 5.07
CA GLU C 85 -5.46 10.17 4.83
C GLU C 85 -6.68 11.12 5.11
N GLY C 86 -6.31 12.38 5.26
CA GLY C 86 -7.35 13.38 5.43
C GLY C 86 -8.24 13.05 6.57
N ASP C 87 -9.57 13.32 6.40
CA ASP C 87 -10.46 13.01 7.55
CA ASP C 87 -10.62 13.08 7.40
C ASP C 87 -10.95 11.58 7.55
N ASN C 88 -9.92 10.74 7.86
CA ASN C 88 -10.16 9.35 8.04
C ASN C 88 -10.78 8.71 6.82
N GLU C 89 -10.23 9.09 5.66
CA GLU C 89 -10.64 8.47 4.41
C GLU C 89 -9.70 7.29 4.11
N MET C 90 -10.22 6.10 4.02
N MET C 90 -10.24 6.14 3.98
CA MET C 90 -9.38 4.91 3.73
CA MET C 90 -9.36 4.93 3.78
C MET C 90 -8.85 4.91 2.29
N LYS C 91 -7.54 4.94 2.12
CA LYS C 91 -6.85 5.05 0.83
C LYS C 91 -6.57 3.65 0.24
N ARG C 92 -6.20 2.69 1.06
CA ARG C 92 -5.69 1.42 0.57
C ARG C 92 -5.74 0.41 1.69
N THR C 93 -5.97 -0.86 1.34
CA THR C 93 -5.76 -2.00 2.18
C THR C 93 -4.71 -2.89 1.58
N ALA C 94 -3.95 -3.59 2.38
CA ALA C 94 -2.91 -4.47 1.85
C ALA C 94 -2.64 -5.56 2.89
N LYS C 95 -1.72 -6.46 2.49
CA LYS C 95 -1.39 -7.66 3.23
C LYS C 95 0.09 -7.84 3.50
N ALA C 96 0.87 -6.76 3.31
CA ALA C 96 2.32 -6.75 3.48
C ALA C 96 2.83 -5.36 3.60
N ILE C 97 3.95 -5.17 4.27
CA ILE C 97 4.68 -3.94 4.28
C ILE C 97 5.89 -4.11 3.35
N PRO C 98 6.22 -3.17 2.50
CA PRO C 98 7.40 -3.29 1.64
C PRO C 98 8.67 -3.36 2.45
N VAL C 99 9.76 -3.75 1.72
CA VAL C 99 11.13 -3.69 2.25
C VAL C 99 11.70 -2.28 2.10
N GLN C 100 12.26 -1.75 3.22
CA GLN C 100 12.93 -0.46 3.15
C GLN C 100 14.31 -0.66 2.50
N VAL C 101 14.65 0.09 1.46
CA VAL C 101 15.90 -0.06 0.77
C VAL C 101 16.79 1.14 1.03
N ALA C 102 18.12 0.93 0.84
CA ALA C 102 19.04 1.99 0.96
C ALA C 102 18.90 3.13 -0.05
#